data_1KA0
#
_entry.id   1KA0
#
_cell.length_a   54.600
_cell.length_b   45.110
_cell.length_c   71.600
_cell.angle_alpha   90.00
_cell.angle_beta   111.36
_cell.angle_gamma   90.00
#
_symmetry.space_group_name_H-M   'P 1 21 1'
#
loop_
_entity.id
_entity.type
_entity.pdbx_description
1 polymer 'Halotolerance protein HAL2'
2 non-polymer 'SODIUM ION'
3 non-polymer 'ADENOSINE MONOPHOSPHATE'
4 water water
#
_entity_poly.entity_id   1
_entity_poly.type   'polypeptide(L)'
_entity_poly.pdbx_seq_one_letter_code
;MALERELLVATQAVRKASLLTKRIQSEVISHKDSTTITKNDNSPVTTGDYAAQTIIINAIKSNFPDDKVVGEESSSGLSD
AFVSGILNEIKANDEVYNKNYKKDDFLFTNDQFPLKSLEDVRQIIDFGNYEGGRKGRFWCLDPIDGTKGFLRGEQFAVCL
ALIVDGVVQLGCIGCPNLVLSSYGAQDLKGHESFGYIFRAVRGLGAFYSPSSDAESWTKIHVRHLKDTKDMITLEGVEKG
HSSHDEQTAIKNKLNISKSLHLDSQAKYCLLALGLADVYLRLPIKLSYQEKIWDHAAGNVIVHEAGGIHTDAMEDVPLDF
GNGRTLATKGVIASSGPRELHDLVVSTSCDVIQSRNA
;
_entity_poly.pdbx_strand_id   A
#
loop_
_chem_comp.id
_chem_comp.type
_chem_comp.name
_chem_comp.formula
AMP non-polymer 'ADENOSINE MONOPHOSPHATE' 'C10 H14 N5 O7 P'
NA non-polymer 'SODIUM ION' 'Na 1'
#
# COMPACT_ATOMS: atom_id res chain seq x y z
N LEU A 3 3.27 20.74 -0.82
CA LEU A 3 2.21 19.67 -1.00
C LEU A 3 1.30 19.47 0.20
N GLU A 4 1.07 20.56 0.93
CA GLU A 4 0.32 20.54 2.17
C GLU A 4 -1.12 20.06 2.03
N ARG A 5 -1.85 20.59 1.07
CA ARG A 5 -3.23 20.16 0.92
C ARG A 5 -3.27 18.71 0.46
N GLU A 6 -2.34 18.37 -0.43
CA GLU A 6 -2.35 17.01 -0.92
C GLU A 6 -2.11 16.02 0.22
N LEU A 7 -1.21 16.32 1.16
CA LEU A 7 -0.94 15.36 2.22
C LEU A 7 -2.14 15.22 3.14
N LEU A 8 -2.81 16.34 3.37
CA LEU A 8 -3.98 16.29 4.25
C LEU A 8 -5.08 15.44 3.64
N VAL A 9 -5.37 15.66 2.39
CA VAL A 9 -6.38 14.89 1.64
C VAL A 9 -6.05 13.40 1.66
N ALA A 10 -4.79 13.13 1.32
CA ALA A 10 -4.37 11.73 1.22
C ALA A 10 -4.55 11.01 2.56
N THR A 11 -4.13 11.69 3.62
CA THR A 11 -4.12 11.14 4.97
C THR A 11 -5.56 10.93 5.40
N GLN A 12 -6.43 11.92 5.23
CA GLN A 12 -7.81 11.70 5.63
C GLN A 12 -8.51 10.65 4.77
N ALA A 13 -8.20 10.63 3.49
CA ALA A 13 -8.80 9.64 2.59
C ALA A 13 -8.42 8.23 3.03
N VAL A 14 -7.12 7.99 3.27
CA VAL A 14 -6.70 6.68 3.71
C VAL A 14 -7.26 6.32 5.07
N ARG A 15 -7.41 7.32 5.93
CA ARG A 15 -7.87 7.13 7.27
C ARG A 15 -9.29 6.55 7.28
N LYS A 16 -10.17 7.24 6.57
CA LYS A 16 -11.53 6.78 6.46
C LYS A 16 -11.66 5.42 5.81
N ALA A 17 -10.95 5.23 4.72
CA ALA A 17 -10.96 3.90 4.09
C ALA A 17 -10.35 2.81 4.98
N SER A 18 -9.40 3.17 5.85
CA SER A 18 -8.78 2.21 6.76
C SER A 18 -9.81 1.70 7.76
N LEU A 19 -10.64 2.62 8.26
CA LEU A 19 -11.68 2.20 9.18
C LEU A 19 -12.72 1.31 8.51
N LEU A 20 -13.15 1.68 7.32
CA LEU A 20 -14.16 0.87 6.62
C LEU A 20 -13.65 -0.55 6.38
N THR A 21 -12.45 -0.65 5.87
CA THR A 21 -11.93 -1.97 5.57
C THR A 21 -11.66 -2.79 6.83
N LYS A 22 -11.20 -2.17 7.88
CA LYS A 22 -11.04 -2.93 9.11
C LYS A 22 -12.40 -3.46 9.64
N ARG A 23 -13.39 -2.59 9.65
CA ARG A 23 -14.72 -2.92 10.13
C ARG A 23 -15.38 -4.04 9.31
N ILE A 24 -15.20 -4.07 8.00
CA ILE A 24 -15.91 -5.06 7.23
C ILE A 24 -15.10 -6.35 6.98
N GLN A 25 -13.84 -6.37 7.34
CA GLN A 25 -13.09 -7.59 7.03
C GLN A 25 -13.84 -8.88 7.33
N SER A 26 -14.36 -9.03 8.55
CA SER A 26 -15.05 -10.29 8.84
C SER A 26 -16.28 -10.57 8.02
N GLU A 27 -17.09 -9.55 7.78
CA GLU A 27 -18.33 -9.76 7.02
C GLU A 27 -18.06 -10.18 5.60
N VAL A 28 -17.03 -9.56 5.04
CA VAL A 28 -16.59 -9.90 3.70
C VAL A 28 -16.19 -11.36 3.68
N ILE A 29 -15.39 -11.76 4.67
CA ILE A 29 -14.92 -13.14 4.69
C ILE A 29 -16.11 -14.11 4.81
N SER A 30 -17.08 -13.71 5.64
CA SER A 30 -18.22 -14.56 5.98
C SER A 30 -19.19 -14.59 4.78
N HIS A 31 -19.29 -13.54 3.97
CA HIS A 31 -20.19 -13.51 2.82
C HIS A 31 -19.40 -13.47 1.47
N LYS A 32 -18.31 -14.22 1.56
CA LYS A 32 -17.30 -14.42 0.53
C LYS A 32 -17.82 -15.21 -0.65
N ASP A 33 -19.09 -15.00 -0.97
CA ASP A 33 -19.79 -15.65 -2.06
C ASP A 33 -20.47 -14.51 -2.81
N SER A 34 -20.82 -13.50 -2.02
CA SER A 34 -21.49 -12.32 -2.54
C SER A 34 -20.68 -11.02 -2.42
N THR A 35 -19.59 -10.99 -1.68
CA THR A 35 -18.85 -9.73 -1.60
C THR A 35 -17.59 -9.78 -2.46
N THR A 36 -17.30 -10.92 -3.08
CA THR A 36 -16.04 -11.05 -3.78
C THR A 36 -16.12 -11.56 -5.21
N ILE A 37 -15.38 -10.88 -6.08
CA ILE A 37 -15.34 -11.03 -7.51
C ILE A 37 -13.94 -11.52 -7.87
N THR A 38 -13.92 -12.31 -8.93
CA THR A 38 -12.68 -12.83 -9.46
C THR A 38 -12.30 -11.99 -10.69
N LYS A 39 -11.08 -11.45 -10.81
CA LYS A 39 -10.75 -10.68 -11.99
C LYS A 39 -10.22 -11.59 -13.12
N ASN A 40 -9.88 -11.02 -14.27
CA ASN A 40 -9.38 -11.75 -15.43
C ASN A 40 -8.09 -12.54 -15.13
N ASP A 41 -7.29 -12.23 -14.12
CA ASP A 41 -6.13 -13.03 -13.76
C ASP A 41 -6.45 -13.99 -12.63
N ASN A 42 -7.72 -14.12 -12.30
CA ASN A 42 -8.18 -14.96 -11.16
C ASN A 42 -7.93 -14.36 -9.76
N SER A 43 -7.37 -13.15 -9.75
CA SER A 43 -7.17 -12.49 -8.45
C SER A 43 -8.49 -11.98 -7.91
N PRO A 44 -8.58 -11.91 -6.59
CA PRO A 44 -9.83 -11.47 -5.96
C PRO A 44 -9.99 -9.96 -5.77
N VAL A 45 -11.21 -9.47 -5.83
CA VAL A 45 -11.54 -8.06 -5.54
C VAL A 45 -12.87 -8.09 -4.79
N THR A 46 -13.00 -7.34 -3.69
CA THR A 46 -14.16 -7.40 -2.82
C THR A 46 -14.88 -6.05 -2.78
N THR A 47 -16.05 -6.06 -2.13
CA THR A 47 -16.79 -4.83 -1.81
C THR A 47 -15.88 -3.83 -1.15
N GLY A 48 -15.04 -4.27 -0.22
CA GLY A 48 -14.09 -3.44 0.48
C GLY A 48 -13.13 -2.72 -0.44
N ASP A 49 -12.59 -3.40 -1.45
CA ASP A 49 -11.65 -2.79 -2.35
C ASP A 49 -12.34 -1.63 -3.05
N TYR A 50 -13.54 -1.88 -3.59
CA TYR A 50 -14.26 -0.84 -4.30
C TYR A 50 -14.75 0.32 -3.39
N ALA A 51 -15.19 0.00 -2.19
CA ALA A 51 -15.61 1.02 -1.24
C ALA A 51 -14.45 1.95 -0.88
N ALA A 52 -13.29 1.33 -0.62
CA ALA A 52 -12.07 2.10 -0.35
C ALA A 52 -11.70 3.02 -1.51
N GLN A 53 -11.82 2.49 -2.73
CA GLN A 53 -11.46 3.21 -3.91
C GLN A 53 -12.43 4.37 -4.07
N THR A 54 -13.70 4.09 -3.73
CA THR A 54 -14.69 5.17 -3.88
C THR A 54 -14.47 6.33 -2.94
N ILE A 55 -14.28 6.01 -1.68
CA ILE A 55 -13.97 7.02 -0.68
C ILE A 55 -12.77 7.88 -1.10
N ILE A 56 -11.71 7.17 -1.47
CA ILE A 56 -10.43 7.84 -1.80
C ILE A 56 -10.52 8.73 -3.01
N ILE A 57 -11.04 8.20 -4.10
CA ILE A 57 -11.13 9.02 -5.30
C ILE A 57 -12.12 10.17 -5.07
N ASN A 58 -13.23 9.92 -4.42
CA ASN A 58 -14.19 11.02 -4.16
C ASN A 58 -13.58 12.13 -3.31
N ALA A 59 -12.77 11.77 -2.34
CA ALA A 59 -12.02 12.79 -1.59
C ALA A 59 -11.03 13.56 -2.48
N ILE A 60 -10.28 12.85 -3.30
CA ILE A 60 -9.32 13.49 -4.21
C ILE A 60 -10.04 14.43 -5.15
N LYS A 61 -11.14 13.95 -5.72
CA LYS A 61 -11.84 14.75 -6.74
C LYS A 61 -12.60 15.93 -6.12
N SER A 62 -13.08 15.75 -4.91
CA SER A 62 -13.72 16.88 -4.22
C SER A 62 -12.75 18.02 -3.97
N ASN A 63 -11.49 17.70 -3.70
CA ASN A 63 -10.44 18.64 -3.38
C ASN A 63 -9.60 19.10 -4.56
N PHE A 64 -9.58 18.29 -5.60
CA PHE A 64 -8.79 18.43 -6.79
C PHE A 64 -9.52 17.86 -8.04
N PRO A 65 -10.46 18.65 -8.54
CA PRO A 65 -11.39 18.20 -9.58
C PRO A 65 -10.85 17.65 -10.87
N ASP A 66 -9.67 18.09 -11.28
CA ASP A 66 -9.14 17.70 -12.55
C ASP A 66 -8.14 16.58 -12.36
N ASP A 67 -7.86 16.13 -11.13
CA ASP A 67 -6.75 15.20 -10.94
C ASP A 67 -6.97 13.82 -11.56
N LYS A 68 -5.87 13.25 -12.03
CA LYS A 68 -5.82 11.95 -12.69
C LYS A 68 -5.47 10.92 -11.63
N VAL A 69 -6.07 9.75 -11.79
CA VAL A 69 -5.85 8.67 -10.86
C VAL A 69 -5.69 7.34 -11.61
N VAL A 70 -4.64 6.65 -11.15
CA VAL A 70 -4.35 5.26 -11.54
C VAL A 70 -4.78 4.35 -10.35
N GLY A 71 -5.91 3.72 -10.55
CA GLY A 71 -6.54 2.84 -9.56
C GLY A 71 -6.67 1.49 -10.22
N GLU A 72 -6.56 0.46 -9.40
CA GLU A 72 -6.54 -0.85 -10.02
C GLU A 72 -7.97 -1.24 -10.41
N GLU A 73 -8.99 -0.66 -9.80
CA GLU A 73 -10.32 -1.14 -10.14
C GLU A 73 -11.08 -0.19 -11.08
N SER A 74 -12.07 -0.76 -11.78
CA SER A 74 -13.03 -0.17 -12.74
C SER A 74 -14.46 -0.69 -12.45
N SER A 75 -15.56 0.00 -12.75
CA SER A 75 -16.90 -0.43 -12.31
C SER A 75 -17.69 -1.16 -13.39
N SER A 76 -17.06 -1.35 -14.55
CA SER A 76 -17.79 -2.02 -15.63
C SER A 76 -18.18 -3.43 -15.18
N GLY A 77 -19.37 -3.87 -15.53
CA GLY A 77 -19.72 -5.20 -15.07
C GLY A 77 -20.26 -5.39 -13.65
N LEU A 78 -20.00 -4.40 -12.78
CA LEU A 78 -20.50 -4.45 -11.42
C LEU A 78 -22.00 -4.31 -11.50
N SER A 79 -22.73 -5.23 -10.88
CA SER A 79 -24.18 -5.05 -10.88
C SER A 79 -24.71 -3.95 -9.96
N ASP A 80 -25.96 -3.55 -10.13
CA ASP A 80 -26.54 -2.56 -9.22
C ASP A 80 -26.56 -3.02 -7.80
N ALA A 81 -26.87 -4.31 -7.61
CA ALA A 81 -26.86 -4.88 -6.29
C ALA A 81 -25.49 -4.79 -5.65
N PHE A 82 -24.47 -5.08 -6.46
CA PHE A 82 -23.09 -5.00 -5.95
C PHE A 82 -22.73 -3.56 -5.56
N VAL A 83 -23.04 -2.60 -6.43
CA VAL A 83 -22.82 -1.19 -6.23
C VAL A 83 -23.63 -0.69 -5.01
N SER A 84 -24.88 -1.15 -4.87
CA SER A 84 -25.64 -0.76 -3.69
C SER A 84 -24.96 -1.22 -2.42
N GLY A 85 -24.31 -2.38 -2.43
CA GLY A 85 -23.57 -2.83 -1.28
C GLY A 85 -22.34 -1.99 -0.97
N ILE A 86 -21.65 -1.56 -2.02
CA ILE A 86 -20.52 -0.61 -1.82
C ILE A 86 -21.03 0.67 -1.12
N LEU A 87 -22.09 1.22 -1.69
CA LEU A 87 -22.64 2.44 -1.13
C LEU A 87 -23.05 2.27 0.31
N ASN A 88 -23.78 1.21 0.64
CA ASN A 88 -24.22 0.93 1.98
C ASN A 88 -23.01 0.86 2.91
N GLU A 89 -21.94 0.16 2.53
CA GLU A 89 -20.76 0.11 3.42
C GLU A 89 -20.16 1.51 3.65
N ILE A 90 -20.11 2.34 2.63
CA ILE A 90 -19.59 3.70 2.78
C ILE A 90 -20.43 4.46 3.80
N LYS A 91 -21.74 4.41 3.60
CA LYS A 91 -22.63 5.13 4.55
C LYS A 91 -22.64 4.56 5.96
N ALA A 92 -22.52 3.25 6.13
CA ALA A 92 -22.43 2.71 7.47
C ALA A 92 -21.13 3.15 8.12
N ASN A 93 -20.11 3.14 7.28
CA ASN A 93 -18.81 3.57 7.80
C ASN A 93 -18.87 5.05 8.24
N ASP A 94 -19.49 5.90 7.44
CA ASP A 94 -19.66 7.30 7.81
C ASP A 94 -20.37 7.51 9.14
N GLU A 95 -21.40 6.72 9.41
CA GLU A 95 -22.14 6.85 10.67
C GLU A 95 -21.28 6.54 11.90
N VAL A 96 -20.41 5.55 11.78
CA VAL A 96 -19.46 5.28 12.87
C VAL A 96 -18.33 6.30 12.88
N TYR A 97 -17.73 6.54 11.72
CA TYR A 97 -16.58 7.46 11.58
C TYR A 97 -16.85 8.89 12.06
N ASN A 98 -17.98 9.48 11.64
CA ASN A 98 -18.32 10.84 12.02
C ASN A 98 -18.55 10.99 13.52
N LYS A 99 -18.78 9.94 14.28
CA LYS A 99 -18.98 10.15 15.72
C LYS A 99 -17.66 10.55 16.37
N ASN A 100 -16.57 9.93 15.94
CA ASN A 100 -15.27 10.18 16.58
C ASN A 100 -14.18 10.83 15.76
N TYR A 101 -14.19 10.65 14.45
CA TYR A 101 -13.05 11.04 13.65
C TYR A 101 -13.21 12.14 12.67
N LYS A 102 -14.32 12.87 12.71
CA LYS A 102 -14.45 13.90 11.68
C LYS A 102 -13.27 14.88 11.75
N LYS A 103 -12.69 15.34 10.67
CA LYS A 103 -11.65 16.33 10.63
C LYS A 103 -12.24 17.70 10.28
N ASP A 104 -12.02 18.71 11.10
CA ASP A 104 -12.53 20.06 10.84
C ASP A 104 -11.98 20.68 9.57
N ASP A 105 -12.92 21.20 8.80
CA ASP A 105 -12.52 21.94 7.63
C ASP A 105 -11.86 21.04 6.60
N PHE A 106 -12.41 19.83 6.54
CA PHE A 106 -11.90 18.89 5.53
C PHE A 106 -13.16 18.30 4.87
N LEU A 107 -13.20 18.24 3.54
CA LEU A 107 -14.36 17.67 2.84
C LEU A 107 -14.05 16.37 2.13
N PHE A 108 -14.88 15.34 2.33
CA PHE A 108 -14.77 14.10 1.57
C PHE A 108 -15.66 14.12 0.35
N THR A 109 -16.66 15.02 0.35
CA THR A 109 -17.65 15.05 -0.72
C THR A 109 -17.99 16.54 -0.88
N ASN A 110 -18.54 16.91 -2.00
CA ASN A 110 -18.99 18.30 -2.24
C ASN A 110 -20.17 18.29 -3.22
N ASP A 111 -20.55 19.47 -3.71
CA ASP A 111 -21.69 19.54 -4.62
C ASP A 111 -21.38 18.78 -5.91
N GLN A 112 -20.18 18.85 -6.44
CA GLN A 112 -19.89 18.22 -7.71
C GLN A 112 -19.82 16.71 -7.60
N PHE A 113 -19.26 16.27 -6.48
CA PHE A 113 -19.07 14.84 -6.18
C PHE A 113 -19.65 14.50 -4.81
N PRO A 114 -20.99 14.39 -4.75
CA PRO A 114 -21.74 14.25 -3.52
C PRO A 114 -21.81 12.82 -2.98
N LEU A 115 -21.48 11.85 -3.82
CA LEU A 115 -21.43 10.44 -3.39
C LEU A 115 -22.72 10.04 -2.68
N LYS A 116 -23.78 10.20 -3.43
CA LYS A 116 -25.08 9.82 -2.88
C LYS A 116 -25.75 8.70 -3.64
N SER A 117 -25.58 8.62 -4.95
CA SER A 117 -26.24 7.60 -5.76
C SER A 117 -25.38 6.45 -6.27
N LEU A 118 -26.02 5.40 -6.79
CA LEU A 118 -25.25 4.34 -7.45
C LEU A 118 -24.51 4.87 -8.65
N GLU A 119 -25.06 5.82 -9.40
CA GLU A 119 -24.33 6.35 -10.54
C GLU A 119 -23.12 7.16 -10.04
N ASP A 120 -23.24 7.83 -8.90
CA ASP A 120 -22.06 8.54 -8.36
C ASP A 120 -20.91 7.56 -8.13
N VAL A 121 -21.22 6.41 -7.53
CA VAL A 121 -20.25 5.38 -7.20
C VAL A 121 -19.46 4.91 -8.45
N ARG A 122 -20.26 4.59 -9.47
CA ARG A 122 -19.73 4.15 -10.73
C ARG A 122 -18.81 5.18 -11.35
N GLN A 123 -19.25 6.43 -11.33
CA GLN A 123 -18.49 7.53 -11.89
C GLN A 123 -17.14 7.64 -11.15
N ILE A 124 -17.21 7.61 -9.83
CA ILE A 124 -15.99 7.74 -9.07
C ILE A 124 -15.03 6.55 -9.26
N ILE A 125 -15.60 5.35 -9.23
CA ILE A 125 -14.71 4.21 -9.46
C ILE A 125 -13.95 4.37 -10.80
N ASP A 126 -14.69 4.77 -11.82
CA ASP A 126 -14.20 4.83 -13.21
C ASP A 126 -13.16 5.94 -13.40
N PHE A 127 -13.07 6.89 -12.47
CA PHE A 127 -11.94 7.81 -12.53
C PHE A 127 -10.55 7.15 -12.35
N GLY A 128 -10.47 5.92 -11.89
CA GLY A 128 -9.20 5.26 -11.70
C GLY A 128 -8.51 4.71 -12.94
N ASN A 129 -8.93 5.16 -14.10
CA ASN A 129 -8.43 4.57 -15.33
C ASN A 129 -7.26 5.26 -16.03
N TYR A 130 -6.52 6.11 -15.34
CA TYR A 130 -5.36 6.71 -15.94
C TYR A 130 -4.26 5.66 -16.17
N GLU A 131 -3.45 5.89 -17.19
CA GLU A 131 -2.40 4.91 -17.52
C GLU A 131 -1.01 5.31 -17.03
N GLY A 132 -0.94 6.41 -16.27
CA GLY A 132 0.33 6.84 -15.74
C GLY A 132 1.24 7.48 -16.79
N GLY A 133 2.53 7.43 -16.52
CA GLY A 133 3.53 7.79 -17.49
C GLY A 133 4.51 8.81 -16.94
N ARG A 134 5.28 9.32 -17.90
CA ARG A 134 6.55 9.94 -17.53
C ARG A 134 6.43 11.38 -17.04
N LYS A 135 5.42 12.08 -17.54
CA LYS A 135 5.22 13.49 -17.22
C LYS A 135 3.94 13.78 -16.46
N GLY A 136 4.01 14.84 -15.70
CA GLY A 136 2.88 15.39 -14.99
C GLY A 136 2.55 14.64 -13.69
N ARG A 137 1.46 15.13 -13.11
CA ARG A 137 1.00 14.70 -11.80
C ARG A 137 -0.15 13.74 -11.85
N PHE A 138 -0.03 12.66 -11.08
CA PHE A 138 -1.15 11.74 -10.99
C PHE A 138 -1.09 10.93 -9.69
N TRP A 139 -2.26 10.53 -9.23
CA TRP A 139 -2.37 9.73 -8.02
C TRP A 139 -2.34 8.24 -8.43
N CYS A 140 -1.77 7.46 -7.50
CA CYS A 140 -1.59 5.99 -7.67
C CYS A 140 -2.20 5.34 -6.44
N LEU A 141 -3.24 4.54 -6.64
CA LEU A 141 -3.96 3.99 -5.51
C LEU A 141 -4.07 2.47 -5.51
N ASP A 142 -3.86 1.82 -4.38
CA ASP A 142 -4.19 0.39 -4.23
C ASP A 142 -5.17 0.42 -3.03
N PRO A 143 -6.46 0.40 -3.31
CA PRO A 143 -7.49 0.69 -2.30
C PRO A 143 -7.52 -0.33 -1.15
N ILE A 144 -7.35 -1.59 -1.55
CA ILE A 144 -6.98 -2.64 -0.62
C ILE A 144 -5.73 -3.24 -1.21
N ASP A 145 -4.63 -3.07 -0.52
CA ASP A 145 -3.32 -3.56 -0.94
C ASP A 145 -3.09 -4.87 -0.19
N GLY A 146 -2.92 -5.98 -0.89
CA GLY A 146 -2.86 -7.29 -0.26
C GLY A 146 -4.23 -7.90 -0.01
N THR A 147 -5.10 -7.85 -0.99
CA THR A 147 -6.49 -8.36 -0.89
C THR A 147 -6.52 -9.82 -0.39
N LYS A 148 -5.56 -10.66 -0.73
CA LYS A 148 -5.56 -12.04 -0.20
C LYS A 148 -5.31 -12.05 1.30
N GLY A 149 -4.42 -11.17 1.78
CA GLY A 149 -4.22 -11.00 3.19
C GLY A 149 -5.50 -10.57 3.88
N PHE A 150 -6.18 -9.59 3.33
CA PHE A 150 -7.51 -9.14 3.76
C PHE A 150 -8.44 -10.33 3.92
N LEU A 151 -8.53 -11.16 2.91
CA LEU A 151 -9.50 -12.24 2.83
C LEU A 151 -9.07 -13.37 3.73
N ARG A 152 -7.80 -13.37 4.14
CA ARG A 152 -7.36 -14.42 5.09
C ARG A 152 -7.55 -13.95 6.52
N GLY A 153 -8.04 -12.72 6.72
CA GLY A 153 -8.18 -12.15 8.04
C GLY A 153 -6.87 -11.72 8.67
N GLU A 154 -5.85 -11.52 7.83
CA GLU A 154 -4.53 -11.16 8.26
C GLU A 154 -4.17 -9.73 7.81
N GLN A 155 -2.91 -9.47 7.52
CA GLN A 155 -2.49 -8.10 7.20
C GLN A 155 -2.90 -7.67 5.81
N PHE A 156 -3.20 -6.37 5.72
CA PHE A 156 -3.50 -5.69 4.46
C PHE A 156 -3.23 -4.20 4.62
N ALA A 157 -3.19 -3.47 3.50
CA ALA A 157 -3.04 -2.03 3.69
C ALA A 157 -3.91 -1.26 2.70
N VAL A 158 -3.96 0.08 2.90
CA VAL A 158 -4.72 0.98 2.06
C VAL A 158 -3.71 2.03 1.62
N CYS A 159 -3.32 2.03 0.36
CA CYS A 159 -2.19 2.80 -0.15
C CYS A 159 -2.51 3.85 -1.20
N LEU A 160 -1.95 5.02 -0.95
CA LEU A 160 -2.13 6.14 -1.89
C LEU A 160 -0.82 6.91 -2.10
N ALA A 161 -0.54 7.31 -3.33
CA ALA A 161 0.72 8.04 -3.59
C ALA A 161 0.40 9.05 -4.67
N LEU A 162 1.25 10.06 -4.70
CA LEU A 162 1.24 11.09 -5.72
C LEU A 162 2.54 10.99 -6.49
N ILE A 163 2.44 10.81 -7.80
CA ILE A 163 3.59 10.80 -8.67
C ILE A 163 3.60 12.10 -9.49
N VAL A 164 4.75 12.77 -9.60
CA VAL A 164 4.94 13.94 -10.46
C VAL A 164 6.23 13.71 -11.26
N ASP A 165 6.06 13.77 -12.57
CA ASP A 165 7.18 13.55 -13.50
C ASP A 165 7.89 12.25 -13.25
N GLY A 166 7.13 11.17 -13.03
CA GLY A 166 7.71 9.87 -12.80
C GLY A 166 8.35 9.55 -11.49
N VAL A 167 8.30 10.50 -10.57
CA VAL A 167 8.87 10.30 -9.27
C VAL A 167 7.78 10.42 -8.19
N VAL A 168 7.76 9.47 -7.26
CA VAL A 168 6.78 9.52 -6.17
C VAL A 168 7.20 10.62 -5.22
N GLN A 169 6.28 11.56 -5.05
CA GLN A 169 6.50 12.71 -4.19
C GLN A 169 5.81 12.62 -2.83
N LEU A 170 4.79 11.77 -2.75
CA LEU A 170 4.07 11.65 -1.52
C LEU A 170 3.51 10.24 -1.43
N GLY A 171 3.52 9.66 -0.23
CA GLY A 171 2.94 8.35 0.01
C GLY A 171 2.20 8.27 1.33
N CYS A 172 1.13 7.49 1.35
CA CYS A 172 0.37 7.31 2.58
C CYS A 172 -0.11 5.85 2.61
N ILE A 173 0.28 5.12 3.63
CA ILE A 173 -0.11 3.70 3.82
C ILE A 173 -0.82 3.50 5.14
N GLY A 174 -2.09 3.08 5.06
CA GLY A 174 -2.87 2.69 6.22
C GLY A 174 -2.70 1.18 6.44
N CYS A 175 -2.36 0.80 7.66
CA CYS A 175 -2.21 -0.59 8.06
C CYS A 175 -3.18 -0.92 9.17
N PRO A 176 -4.44 -1.22 8.85
CA PRO A 176 -5.49 -1.28 9.87
C PRO A 176 -5.39 -2.41 10.87
N ASN A 177 -4.65 -3.46 10.56
CA ASN A 177 -4.48 -4.61 11.45
C ASN A 177 -3.10 -4.82 12.03
N LEU A 178 -2.23 -3.84 11.82
CA LEU A 178 -0.84 -3.96 12.19
C LEU A 178 -0.65 -3.68 13.69
N VAL A 179 -0.32 -4.74 14.40
CA VAL A 179 -0.01 -4.60 15.84
C VAL A 179 1.48 -4.73 16.00
N LEU A 180 2.16 -3.67 16.40
CA LEU A 180 3.61 -3.63 16.55
C LEU A 180 4.18 -4.59 17.57
N SER A 181 3.37 -4.90 18.57
CA SER A 181 3.85 -5.83 19.59
C SER A 181 4.06 -7.20 18.92
N SER A 182 3.49 -7.50 17.77
CA SER A 182 3.81 -8.79 17.15
C SER A 182 5.20 -8.80 16.49
N TYR A 183 5.82 -7.65 16.35
CA TYR A 183 7.10 -7.51 15.64
C TYR A 183 8.21 -6.89 16.52
N GLY A 184 8.04 -7.10 17.82
CA GLY A 184 8.96 -6.71 18.89
C GLY A 184 9.01 -5.23 19.23
N ALA A 185 7.97 -4.51 18.83
CA ALA A 185 7.96 -3.10 19.10
C ALA A 185 6.80 -2.72 20.00
N GLN A 186 6.82 -1.51 20.52
CA GLN A 186 5.69 -1.07 21.36
C GLN A 186 4.62 -0.47 20.47
N ASP A 187 3.36 -0.60 20.86
CA ASP A 187 2.24 0.07 20.19
C ASP A 187 1.90 1.43 20.78
N LEU A 188 1.43 2.36 19.96
CA LEU A 188 1.08 3.70 20.46
C LEU A 188 -0.37 3.78 20.85
N LYS A 189 -0.71 4.71 21.75
CA LYS A 189 -2.05 4.94 22.23
C LYS A 189 -3.03 5.13 21.09
N GLY A 190 -4.12 4.36 21.10
CA GLY A 190 -5.12 4.47 20.03
C GLY A 190 -4.95 3.52 18.86
N HIS A 191 -3.86 2.74 18.84
CA HIS A 191 -3.63 1.84 17.73
C HIS A 191 -4.70 0.80 17.55
N GLU A 192 -5.36 0.45 18.67
CA GLU A 192 -6.27 -0.68 18.64
C GLU A 192 -7.55 -0.51 17.83
N SER A 193 -8.06 0.70 17.64
CA SER A 193 -9.24 0.82 16.83
C SER A 193 -9.07 0.54 15.32
N PHE A 194 -8.11 1.19 14.66
CA PHE A 194 -7.91 0.87 13.26
C PHE A 194 -6.44 0.99 12.83
N GLY A 195 -5.54 0.57 13.72
CA GLY A 195 -4.16 0.46 13.29
C GLY A 195 -3.40 1.77 13.20
N TYR A 196 -2.54 1.83 12.21
CA TYR A 196 -1.58 2.91 11.97
C TYR A 196 -1.62 3.48 10.57
N ILE A 197 -1.25 4.76 10.47
CA ILE A 197 -1.05 5.40 9.18
C ILE A 197 0.43 5.82 9.10
N PHE A 198 1.07 5.53 7.96
CA PHE A 198 2.47 5.89 7.71
C PHE A 198 2.43 6.87 6.56
N ARG A 199 3.30 7.89 6.56
CA ARG A 199 3.27 8.81 5.44
C ARG A 199 4.62 9.53 5.29
N ALA A 200 4.84 10.06 4.12
CA ALA A 200 6.04 10.85 3.81
C ALA A 200 5.84 11.69 2.56
N VAL A 201 6.57 12.81 2.58
CA VAL A 201 6.66 13.70 1.45
C VAL A 201 8.15 13.78 1.13
N ARG A 202 8.49 13.70 -0.14
CA ARG A 202 9.89 13.73 -0.59
C ARG A 202 10.60 14.95 -0.01
N GLY A 203 11.70 14.74 0.67
CA GLY A 203 12.48 15.80 1.26
C GLY A 203 12.06 16.22 2.65
N LEU A 204 10.93 15.73 3.15
CA LEU A 204 10.42 16.16 4.45
C LEU A 204 10.36 15.06 5.47
N GLY A 205 10.85 13.84 5.29
CA GLY A 205 10.81 12.81 6.30
C GLY A 205 9.58 11.87 6.29
N ALA A 206 9.75 10.73 7.00
CA ALA A 206 8.69 9.74 7.10
C ALA A 206 8.17 9.70 8.52
N PHE A 207 6.85 9.55 8.68
CA PHE A 207 6.26 9.60 10.00
C PHE A 207 5.09 8.62 10.14
N TYR A 208 4.62 8.31 11.34
CA TYR A 208 3.47 7.48 11.53
C TYR A 208 2.68 8.01 12.73
N SER A 209 1.45 7.49 12.77
CA SER A 209 0.50 7.81 13.81
C SER A 209 -0.58 6.76 13.88
N PRO A 210 -1.12 6.51 15.06
CA PRO A 210 -2.32 5.66 15.04
C PRO A 210 -3.37 6.27 14.13
N SER A 211 -4.10 5.41 13.41
CA SER A 211 -5.05 5.89 12.42
C SER A 211 -6.15 6.75 13.11
N SER A 212 -6.49 6.33 14.31
CA SER A 212 -7.50 7.06 15.09
C SER A 212 -7.03 8.47 15.50
N ASP A 213 -5.73 8.70 15.54
CA ASP A 213 -5.15 10.00 15.88
C ASP A 213 -4.95 10.73 14.61
N ALA A 214 -3.89 10.43 13.87
CA ALA A 214 -3.58 11.05 12.59
C ALA A 214 -3.40 12.57 12.70
N GLU A 215 -3.04 13.03 13.89
CA GLU A 215 -2.84 14.47 14.15
C GLU A 215 -1.45 14.62 14.74
N SER A 216 -1.09 13.72 15.64
CA SER A 216 0.24 13.74 16.22
C SER A 216 1.12 12.73 15.48
N TRP A 217 2.19 13.19 14.84
CA TRP A 217 3.02 12.34 13.98
C TRP A 217 4.40 12.08 14.61
N THR A 218 4.88 10.83 14.56
CA THR A 218 6.19 10.43 15.10
C THR A 218 7.11 10.09 13.95
N LYS A 219 8.33 10.66 13.92
CA LYS A 219 9.27 10.43 12.86
C LYS A 219 9.81 8.98 12.98
N ILE A 220 10.00 8.32 11.84
CA ILE A 220 10.54 6.96 11.80
C ILE A 220 11.80 6.93 10.92
N HIS A 221 12.65 5.92 11.09
CA HIS A 221 13.87 5.78 10.32
C HIS A 221 14.32 4.31 10.30
N VAL A 222 14.89 3.83 9.18
CA VAL A 222 15.39 2.48 9.23
C VAL A 222 16.50 2.36 10.26
N ARG A 223 16.80 1.12 10.67
CA ARG A 223 17.91 0.91 11.60
C ARG A 223 19.10 0.51 10.76
N HIS A 224 20.23 0.28 11.41
CA HIS A 224 21.46 -0.07 10.77
C HIS A 224 22.19 -1.13 11.55
N LEU A 225 21.88 -2.40 11.30
CA LEU A 225 22.63 -3.46 11.97
C LEU A 225 23.94 -3.70 11.20
N LYS A 226 25.04 -4.07 11.87
CA LYS A 226 26.30 -4.21 11.12
C LYS A 226 26.51 -5.54 10.41
N ASP A 227 25.99 -6.63 10.99
CA ASP A 227 26.14 -7.97 10.42
C ASP A 227 24.86 -8.61 9.95
N THR A 228 24.92 -9.15 8.76
CA THR A 228 23.78 -9.77 8.14
C THR A 228 23.29 -10.93 8.96
N LYS A 229 24.11 -11.61 9.76
CA LYS A 229 23.57 -12.76 10.47
C LYS A 229 22.54 -12.32 11.51
N ASP A 230 22.47 -11.04 11.88
CA ASP A 230 21.50 -10.50 12.82
C ASP A 230 20.22 -9.93 12.19
N MET A 231 20.19 -9.84 10.86
CA MET A 231 19.10 -9.19 10.20
C MET A 231 17.89 -10.08 10.04
N ILE A 232 16.83 -9.40 9.65
CA ILE A 232 15.50 -9.93 9.49
C ILE A 232 14.98 -9.58 8.11
N THR A 233 14.50 -10.57 7.39
CA THR A 233 13.86 -10.35 6.12
C THR A 233 12.35 -10.14 6.24
N LEU A 234 11.83 -9.47 5.23
CA LEU A 234 10.39 -9.27 5.05
C LEU A 234 10.10 -9.94 3.70
N GLU A 235 9.05 -10.76 3.71
CA GLU A 235 8.63 -11.47 2.49
C GLU A 235 7.11 -11.59 2.55
N GLY A 236 6.47 -11.73 1.39
CA GLY A 236 5.06 -12.06 1.34
C GLY A 236 4.74 -13.44 1.88
N VAL A 237 3.45 -13.72 1.98
CA VAL A 237 2.90 -14.99 2.43
C VAL A 237 2.63 -15.82 1.19
N GLU A 238 2.00 -15.25 0.18
CA GLU A 238 1.58 -16.00 -1.02
C GLU A 238 2.77 -16.52 -1.86
N LYS A 239 2.88 -17.85 -1.98
CA LYS A 239 3.96 -18.50 -2.73
C LYS A 239 4.04 -18.15 -4.17
N GLY A 240 2.89 -17.75 -4.68
CA GLY A 240 2.83 -17.35 -6.05
C GLY A 240 3.26 -15.94 -6.36
N HIS A 241 3.51 -15.09 -5.35
CA HIS A 241 3.81 -13.68 -5.57
C HIS A 241 5.31 -13.40 -5.51
N SER A 242 6.09 -14.37 -5.05
CA SER A 242 7.53 -14.19 -5.07
C SER A 242 8.21 -15.54 -4.98
N SER A 243 9.49 -15.54 -5.37
CA SER A 243 10.27 -16.78 -5.42
C SER A 243 10.83 -17.15 -4.04
N HIS A 244 10.03 -17.80 -3.22
CA HIS A 244 10.45 -18.11 -1.86
C HIS A 244 11.73 -18.95 -1.75
N ASP A 245 11.92 -19.92 -2.64
CA ASP A 245 13.08 -20.80 -2.55
C ASP A 245 14.40 -20.09 -2.86
N GLU A 246 14.30 -19.18 -3.83
CA GLU A 246 15.41 -18.32 -4.15
C GLU A 246 15.66 -17.29 -3.07
N GLN A 247 14.58 -16.79 -2.47
CA GLN A 247 14.80 -15.95 -1.27
C GLN A 247 15.49 -16.70 -0.14
N THR A 248 15.14 -17.98 0.04
CA THR A 248 15.85 -18.77 1.02
C THR A 248 17.34 -18.93 0.68
N ALA A 249 17.69 -19.08 -0.58
CA ALA A 249 19.08 -19.17 -0.97
C ALA A 249 19.81 -17.92 -0.59
N ILE A 250 19.13 -16.78 -0.74
CA ILE A 250 19.77 -15.54 -0.35
C ILE A 250 20.05 -15.48 1.13
N LYS A 251 19.05 -15.82 1.93
CA LYS A 251 19.18 -15.88 3.36
C LYS A 251 20.35 -16.76 3.80
N ASN A 252 20.37 -17.94 3.21
CA ASN A 252 21.41 -18.92 3.56
C ASN A 252 22.77 -18.35 3.19
N LYS A 253 22.91 -17.73 2.02
CA LYS A 253 24.20 -17.14 1.71
C LYS A 253 24.58 -16.03 2.65
N LEU A 254 23.63 -15.26 3.16
CA LEU A 254 23.91 -14.19 4.09
C LEU A 254 23.82 -14.54 5.56
N ASN A 255 23.57 -15.83 5.86
CA ASN A 255 23.48 -16.28 7.24
C ASN A 255 22.32 -15.65 8.00
N ILE A 256 21.26 -15.32 7.25
CA ILE A 256 20.08 -14.76 7.87
C ILE A 256 19.17 -15.88 8.39
N SER A 257 18.73 -15.81 9.62
CA SER A 257 17.89 -16.85 10.18
C SER A 257 16.57 -16.36 10.75
N LYS A 258 16.22 -15.12 10.43
CA LYS A 258 15.00 -14.50 10.95
C LYS A 258 14.21 -13.91 9.78
N SER A 259 12.95 -14.32 9.64
CA SER A 259 12.12 -13.83 8.54
C SER A 259 10.71 -13.53 9.05
N LEU A 260 10.10 -12.54 8.43
CA LEU A 260 8.74 -12.17 8.76
C LEU A 260 7.99 -12.28 7.45
N HIS A 261 6.84 -12.92 7.47
CA HIS A 261 5.99 -13.02 6.29
C HIS A 261 4.67 -12.31 6.54
N LEU A 262 4.30 -11.40 5.65
CA LEU A 262 2.99 -10.75 5.76
C LEU A 262 2.62 -10.16 4.41
N ASP A 263 1.33 -9.98 4.18
CA ASP A 263 0.85 -9.46 2.91
C ASP A 263 0.97 -7.90 2.99
N SER A 264 1.03 -7.27 1.83
CA SER A 264 0.90 -5.82 1.56
C SER A 264 2.13 -5.01 1.87
N GLN A 265 2.04 -3.75 1.52
CA GLN A 265 3.03 -2.74 1.74
C GLN A 265 3.21 -2.39 3.21
N ALA A 266 2.45 -3.07 4.08
CA ALA A 266 2.81 -2.98 5.48
C ALA A 266 4.26 -3.40 5.66
N LYS A 267 4.78 -4.25 4.77
CA LYS A 267 6.20 -4.64 4.80
C LYS A 267 7.10 -3.44 4.73
N TYR A 268 6.82 -2.52 3.80
CA TYR A 268 7.67 -1.32 3.71
C TYR A 268 7.56 -0.50 5.00
N CYS A 269 6.39 -0.47 5.63
CA CYS A 269 6.21 0.28 6.86
C CYS A 269 7.10 -0.29 7.98
N LEU A 270 7.17 -1.61 8.16
CA LEU A 270 8.01 -2.23 9.16
C LEU A 270 9.48 -1.97 8.86
N LEU A 271 9.83 -1.93 7.57
CA LEU A 271 11.20 -1.61 7.20
C LEU A 271 11.58 -0.21 7.66
N ALA A 272 10.69 0.71 7.31
CA ALA A 272 10.89 2.13 7.56
C ALA A 272 10.88 2.48 9.03
N LEU A 273 10.13 1.73 9.83
CA LEU A 273 10.11 1.85 11.28
C LEU A 273 11.37 1.30 11.91
N GLY A 274 12.11 0.45 11.20
CA GLY A 274 13.30 -0.12 11.79
C GLY A 274 13.14 -1.45 12.48
N LEU A 275 12.13 -2.20 12.07
CA LEU A 275 11.83 -3.47 12.73
C LEU A 275 12.29 -4.70 11.94
N ALA A 276 12.79 -4.45 10.75
CA ALA A 276 13.35 -5.50 9.87
C ALA A 276 14.31 -4.80 8.94
N ASP A 277 15.08 -5.53 8.15
CA ASP A 277 16.16 -4.97 7.37
C ASP A 277 16.19 -5.07 5.87
N VAL A 278 15.65 -6.17 5.33
CA VAL A 278 15.62 -6.49 3.92
C VAL A 278 14.31 -7.11 3.49
N TYR A 279 13.66 -6.40 2.57
CA TYR A 279 12.41 -6.84 1.92
C TYR A 279 12.77 -7.49 0.60
N LEU A 280 12.53 -8.79 0.49
CA LEU A 280 12.79 -9.54 -0.73
C LEU A 280 11.56 -9.85 -1.55
N ARG A 281 11.60 -9.53 -2.84
CA ARG A 281 10.50 -9.85 -3.73
C ARG A 281 11.04 -10.24 -5.09
N LEU A 282 11.66 -11.43 -5.14
CA LEU A 282 12.15 -11.92 -6.40
C LEU A 282 11.02 -12.47 -7.27
N PRO A 283 11.13 -12.32 -8.58
CA PRO A 283 10.10 -12.85 -9.47
C PRO A 283 10.19 -14.32 -9.73
N ILE A 284 9.07 -15.01 -9.81
CA ILE A 284 9.03 -16.41 -10.16
C ILE A 284 9.18 -16.47 -11.66
N LYS A 285 8.27 -15.77 -12.34
CA LYS A 285 8.30 -15.66 -13.80
C LYS A 285 8.81 -14.31 -14.24
N LEU A 286 9.80 -14.30 -15.15
CA LEU A 286 10.35 -13.04 -15.65
C LEU A 286 9.39 -12.30 -16.58
N SER A 287 8.28 -12.92 -16.99
CA SER A 287 7.33 -12.21 -17.82
C SER A 287 6.48 -11.25 -16.98
N TYR A 288 6.34 -11.50 -15.68
CA TYR A 288 5.51 -10.62 -14.84
C TYR A 288 6.01 -9.15 -14.80
N GLN A 289 5.13 -8.17 -14.84
CA GLN A 289 5.54 -6.79 -14.69
C GLN A 289 4.83 -6.28 -13.43
N GLU A 290 5.65 -5.88 -12.46
CA GLU A 290 5.14 -5.39 -11.20
C GLU A 290 4.27 -4.17 -11.41
N LYS A 291 3.21 -4.07 -10.62
CA LYS A 291 2.29 -2.92 -10.72
C LYS A 291 2.75 -1.74 -9.87
N ILE A 292 2.69 -0.50 -10.34
CA ILE A 292 3.18 0.64 -9.55
C ILE A 292 2.43 0.76 -8.25
N TRP A 293 1.16 0.39 -8.19
CA TRP A 293 0.34 0.64 -7.02
C TRP A 293 0.74 -0.36 -5.95
N ASP A 294 1.48 -1.43 -6.25
CA ASP A 294 2.01 -2.30 -5.22
C ASP A 294 3.28 -1.77 -4.54
N HIS A 295 3.84 -0.65 -5.01
CA HIS A 295 5.12 -0.16 -4.52
C HIS A 295 5.32 1.34 -4.42
N ALA A 296 4.41 2.13 -4.99
CA ALA A 296 4.69 3.56 -5.04
C ALA A 296 4.65 4.24 -3.67
N ALA A 297 3.63 3.96 -2.87
CA ALA A 297 3.57 4.60 -1.51
C ALA A 297 4.80 4.22 -0.69
N GLY A 298 5.11 2.92 -0.81
CA GLY A 298 6.22 2.44 -0.04
C GLY A 298 7.52 3.08 -0.48
N ASN A 299 7.68 3.34 -1.78
CA ASN A 299 8.93 3.91 -2.32
C ASN A 299 9.37 5.15 -1.58
N VAL A 300 8.46 6.09 -1.45
CA VAL A 300 8.83 7.37 -0.83
C VAL A 300 8.98 7.28 0.69
N ILE A 301 8.20 6.43 1.33
CA ILE A 301 8.28 6.15 2.72
C ILE A 301 9.66 5.55 3.04
N VAL A 302 10.06 4.52 2.29
CA VAL A 302 11.36 3.94 2.51
C VAL A 302 12.46 5.01 2.32
N HIS A 303 12.37 5.78 1.25
CA HIS A 303 13.45 6.75 0.94
C HIS A 303 13.56 7.73 2.09
N GLU A 304 12.41 8.24 2.53
CA GLU A 304 12.44 9.31 3.55
C GLU A 304 12.83 8.76 4.90
N ALA A 305 12.67 7.46 5.09
CA ALA A 305 13.13 6.75 6.27
C ALA A 305 14.61 6.39 6.26
N GLY A 306 15.25 6.64 5.13
CA GLY A 306 16.68 6.42 5.02
C GLY A 306 17.14 5.13 4.37
N GLY A 307 16.20 4.43 3.76
CA GLY A 307 16.37 3.15 3.10
C GLY A 307 16.65 3.23 1.61
N ILE A 308 16.80 2.08 0.96
CA ILE A 308 17.11 1.98 -0.44
C ILE A 308 16.10 1.02 -1.09
N HIS A 309 15.73 1.34 -2.31
CA HIS A 309 14.68 0.60 -3.04
C HIS A 309 15.04 0.46 -4.49
N THR A 310 15.21 -0.80 -4.89
CA THR A 310 15.58 -1.13 -6.26
C THR A 310 14.75 -2.32 -6.79
N ASP A 311 15.12 -2.72 -8.01
CA ASP A 311 14.59 -3.98 -8.49
C ASP A 311 15.36 -5.13 -7.83
N ALA A 312 15.18 -6.33 -8.37
CA ALA A 312 15.81 -7.49 -7.75
C ALA A 312 16.97 -8.06 -8.55
N MET A 313 17.32 -7.51 -9.70
CA MET A 313 18.38 -8.13 -10.51
C MET A 313 19.47 -7.15 -10.86
N GLU A 314 19.08 -6.03 -11.44
CA GLU A 314 19.99 -5.02 -11.96
C GLU A 314 20.57 -4.09 -10.94
N ASP A 315 19.88 -3.93 -9.83
CA ASP A 315 20.24 -3.02 -8.73
C ASP A 315 20.12 -1.55 -9.17
N VAL A 316 19.01 -1.27 -9.85
CA VAL A 316 18.72 0.08 -10.28
C VAL A 316 17.49 0.61 -9.58
N PRO A 317 17.38 1.91 -9.42
CA PRO A 317 16.21 2.48 -8.74
C PRO A 317 14.96 2.19 -9.53
N LEU A 318 13.83 2.01 -8.83
CA LEU A 318 12.59 1.74 -9.54
C LEU A 318 12.13 2.99 -10.29
N ASP A 319 11.57 2.79 -11.47
CA ASP A 319 11.10 3.91 -12.30
C ASP A 319 9.58 3.94 -12.36
N PHE A 320 9.01 4.90 -11.61
CA PHE A 320 7.58 5.10 -11.51
C PHE A 320 6.98 5.95 -12.64
N GLY A 321 7.75 6.19 -13.69
CA GLY A 321 7.25 6.88 -14.86
C GLY A 321 6.97 6.02 -16.10
N ASN A 322 6.97 4.70 -15.99
CA ASN A 322 6.81 3.78 -17.11
C ASN A 322 5.37 3.40 -17.44
N GLY A 323 4.40 3.97 -16.73
CA GLY A 323 2.99 3.63 -16.86
C GLY A 323 2.47 2.92 -15.64
N ARG A 324 1.59 1.96 -15.83
CA ARG A 324 1.02 1.22 -14.74
C ARG A 324 1.97 0.15 -14.18
N THR A 325 3.01 -0.21 -14.93
CA THR A 325 3.95 -1.25 -14.52
C THR A 325 5.40 -0.76 -14.44
N LEU A 326 6.17 -1.50 -13.64
CA LEU A 326 7.60 -1.36 -13.55
C LEU A 326 8.21 -2.27 -14.60
N ALA A 327 9.19 -1.77 -15.34
CA ALA A 327 9.82 -2.49 -16.44
C ALA A 327 10.89 -3.48 -15.99
N THR A 328 11.43 -3.26 -14.80
CA THR A 328 12.45 -4.07 -14.19
C THR A 328 11.84 -5.33 -13.60
N LYS A 329 12.69 -6.24 -13.19
CA LYS A 329 12.24 -7.51 -12.64
C LYS A 329 12.47 -7.54 -11.15
N GLY A 330 11.39 -7.75 -10.42
CA GLY A 330 11.38 -7.98 -8.98
C GLY A 330 11.62 -6.68 -8.22
N VAL A 331 11.58 -6.76 -6.91
CA VAL A 331 11.81 -5.61 -6.02
C VAL A 331 12.60 -6.04 -4.81
N ILE A 332 13.60 -5.27 -4.41
CA ILE A 332 14.33 -5.42 -3.19
C ILE A 332 14.42 -4.01 -2.53
N ALA A 333 14.06 -3.98 -1.24
CA ALA A 333 14.23 -2.78 -0.40
C ALA A 333 15.07 -3.17 0.81
N SER A 334 15.89 -2.24 1.29
CA SER A 334 16.57 -2.49 2.51
C SER A 334 16.81 -1.20 3.27
N SER A 335 17.36 -1.39 4.45
CA SER A 335 17.84 -0.35 5.35
C SER A 335 19.09 0.33 4.82
N GLY A 336 19.75 -0.29 3.86
CA GLY A 336 21.03 0.22 3.44
C GLY A 336 22.04 -0.09 4.50
N PRO A 337 23.30 0.34 4.40
CA PRO A 337 23.83 1.25 3.39
C PRO A 337 23.91 0.56 2.03
N ARG A 338 24.48 1.24 1.05
CA ARG A 338 24.63 0.75 -0.29
C ARG A 338 25.38 -0.58 -0.28
N GLU A 339 26.43 -0.77 0.51
CA GLU A 339 27.14 -2.05 0.52
C GLU A 339 26.26 -3.22 0.87
N LEU A 340 25.38 -3.09 1.86
CA LEU A 340 24.42 -4.13 2.20
C LEU A 340 23.48 -4.35 1.05
N HIS A 341 22.90 -3.27 0.52
CA HIS A 341 21.91 -3.36 -0.54
C HIS A 341 22.43 -4.09 -1.78
N ASP A 342 23.61 -3.68 -2.20
CA ASP A 342 24.24 -4.23 -3.38
C ASP A 342 24.63 -5.71 -3.20
N LEU A 343 25.06 -6.09 -2.01
CA LEU A 343 25.33 -7.49 -1.74
C LEU A 343 24.04 -8.28 -1.92
N VAL A 344 22.97 -7.75 -1.34
CA VAL A 344 21.69 -8.47 -1.49
C VAL A 344 21.26 -8.63 -2.94
N VAL A 345 21.21 -7.53 -3.69
CA VAL A 345 20.76 -7.55 -5.05
C VAL A 345 21.68 -8.39 -5.98
N SER A 346 22.97 -8.30 -5.75
CA SER A 346 23.91 -9.13 -6.53
C SER A 346 23.78 -10.61 -6.25
N THR A 347 23.41 -10.90 -5.00
CA THR A 347 23.15 -12.29 -4.68
C THR A 347 21.89 -12.76 -5.40
N SER A 348 20.87 -11.92 -5.38
CA SER A 348 19.64 -12.26 -6.08
C SER A 348 19.87 -12.51 -7.57
N CYS A 349 20.62 -11.59 -8.18
CA CYS A 349 20.96 -11.66 -9.59
C CYS A 349 21.62 -13.00 -9.91
N ASP A 350 22.62 -13.33 -9.12
CA ASP A 350 23.37 -14.58 -9.30
C ASP A 350 22.50 -15.83 -9.13
N VAL A 351 21.65 -15.86 -8.11
CA VAL A 351 20.71 -16.94 -7.87
C VAL A 351 19.83 -17.06 -9.09
N ILE A 352 19.23 -16.00 -9.60
CA ILE A 352 18.31 -16.06 -10.74
C ILE A 352 19.02 -16.56 -12.01
N GLN A 353 20.17 -15.96 -12.28
CA GLN A 353 20.99 -16.36 -13.42
C GLN A 353 21.38 -17.83 -13.31
N SER A 354 21.46 -18.40 -12.12
CA SER A 354 21.89 -19.79 -12.06
C SER A 354 20.76 -20.79 -12.23
N ARG A 355 19.55 -20.34 -12.57
CA ARG A 355 18.47 -21.31 -12.71
C ARG A 355 18.85 -22.41 -13.70
NA NA B . -5.54 -3.96 -4.56
P AMP C . 1.98 -9.18 -1.33
O1P AMP C . 0.93 -9.00 -0.30
O2P AMP C . 2.20 -10.65 -1.61
O3P AMP C . 3.33 -8.55 -0.91
O5' AMP C . 1.59 -8.44 -2.73
C5' AMP C . 0.26 -8.28 -3.20
C4' AMP C . 0.35 -7.96 -4.70
O4' AMP C . 0.92 -9.11 -5.35
C3' AMP C . -0.97 -7.72 -5.39
O3' AMP C . -1.54 -6.44 -5.16
C2' AMP C . -0.65 -8.14 -6.83
O2' AMP C . -0.67 -7.01 -7.69
C1' AMP C . 0.73 -8.75 -6.68
N9 AMP C . 0.95 -9.93 -7.56
C8 AMP C . 0.00 -10.73 -8.13
N7 AMP C . 0.62 -11.69 -8.84
C5 AMP C . 1.94 -11.49 -8.72
C6 AMP C . 3.03 -12.16 -9.25
N6 AMP C . 2.93 -13.24 -10.06
N1 AMP C . 4.27 -11.70 -8.95
C2 AMP C . 4.44 -10.62 -8.12
N3 AMP C . 3.38 -9.93 -7.58
C4 AMP C . 2.16 -10.38 -7.91
#